data_6KWL
#
_entry.id   6KWL
#
_cell.length_a   49.039
_cell.length_b   66.201
_cell.length_c   57.032
_cell.angle_alpha   90.000
_cell.angle_beta   107.910
_cell.angle_gamma   90.000
#
_symmetry.space_group_name_H-M   'P 1 21 1'
#
loop_
_entity.id
_entity.type
_entity.pdbx_description
1 polymer 'MHC class I antigen'
2 polymer Beta-2-microglobulin
3 polymer peptide
4 water water
#
loop_
_entity_poly.entity_id
_entity_poly.type
_entity_poly.pdbx_seq_one_letter_code
_entity_poly.pdbx_strand_id
1 'polypeptide(L)'
;GPHSLSYFYTAVSRPDRGDSRFIAVGYVDDTQFVRFDNYAPNPRMEPRVPWIQQEGQEYWDRETRNVKETAQTYGVGLNT
LRGYYNQSEAGSHTLQSMYGCYLGPDGLLLHGYRQDAYDGADYIALNEDLRSWTAADMAAQITKRKWEAADEAERARSYL
QGLCVESLRRYLEMGKDTLQRAEPPKTHVTRHPSSDLGVTLRCWALGFYPKEISLTWQREGQDQSQDMELVETRPSGDGT
FQKWAALVVPPGEEQSYTCHVQHEGLQEPLTLRWD
;
A
2 'polypeptide(L)'
;VARPPKVQVYSRHPAENGKPNYLNCYVSGFHPPQIEIDLLKNGEKMNAEQSDLSFSKDWSFYLLVHTEFTPNAVDQYSCR
VKHVTLDKPKIVKWDRDH
;
B
3 'polypeptide(L)' MTAHITVPY C
#
# COMPACT_ATOMS: atom_id res chain seq x y z
N GLY A 1 10.88 -11.25 8.05
CA GLY A 1 10.40 -12.33 7.20
C GLY A 1 11.17 -12.42 5.90
N PRO A 2 10.78 -13.36 5.03
CA PRO A 2 11.42 -13.44 3.72
C PRO A 2 11.17 -12.20 2.89
N HIS A 3 12.17 -11.85 2.07
CA HIS A 3 12.02 -10.74 1.15
C HIS A 3 11.08 -11.13 0.01
N SER A 4 10.54 -10.13 -0.67
CA SER A 4 9.60 -10.39 -1.76
C SER A 4 9.72 -9.32 -2.83
N LEU A 5 9.38 -9.71 -4.06
CA LEU A 5 9.19 -8.80 -5.19
C LEU A 5 7.77 -9.01 -5.69
N SER A 6 6.99 -7.94 -5.83
CA SER A 6 5.58 -8.07 -6.17
C SER A 6 5.17 -6.92 -7.08
N TYR A 7 4.28 -7.21 -8.02
CA TYR A 7 3.70 -6.17 -8.86
C TYR A 7 2.20 -6.13 -8.68
N PHE A 8 1.64 -4.93 -8.82
CA PHE A 8 0.21 -4.67 -8.60
C PHE A 8 -0.31 -3.92 -9.82
N TYR A 9 -1.21 -4.55 -10.58
CA TYR A 9 -1.77 -3.99 -11.80
C TYR A 9 -3.24 -3.63 -11.56
N THR A 10 -3.66 -2.44 -11.98
CA THR A 10 -5.06 -2.04 -11.92
C THR A 10 -5.43 -1.49 -13.28
N ALA A 11 -6.39 -2.13 -13.95
CA ALA A 11 -6.93 -1.64 -15.21
C ALA A 11 -8.36 -1.16 -14.96
N VAL A 12 -8.67 0.05 -15.42
CA VAL A 12 -9.99 0.63 -15.18
C VAL A 12 -10.57 1.08 -16.51
N SER A 13 -11.75 0.56 -16.86
CA SER A 13 -12.36 1.02 -18.11
C SER A 13 -12.89 2.43 -17.93
N ARG A 14 -12.68 3.27 -18.94
CA ARG A 14 -13.05 4.68 -18.86
C ARG A 14 -13.85 5.05 -20.10
N PRO A 15 -15.08 4.57 -20.19
CA PRO A 15 -15.91 4.92 -21.36
C PRO A 15 -16.11 6.43 -21.51
N ASP A 16 -15.97 7.21 -20.43
CA ASP A 16 -16.06 8.66 -20.55
C ASP A 16 -14.89 9.24 -21.32
N ARG A 17 -13.76 8.54 -21.38
CA ARG A 17 -12.60 9.01 -22.13
C ARG A 17 -12.28 8.12 -23.33
N GLY A 18 -13.08 7.08 -23.56
CA GLY A 18 -12.92 6.25 -24.75
C GLY A 18 -11.85 5.19 -24.68
N ASP A 19 -11.34 4.87 -23.50
CA ASP A 19 -10.20 3.97 -23.42
C ASP A 19 -10.23 3.27 -22.07
N SER A 20 -9.09 2.72 -21.67
CA SER A 20 -8.91 2.23 -20.32
C SER A 20 -7.59 2.75 -19.78
N ARG A 21 -7.53 2.94 -18.47
CA ARG A 21 -6.33 3.38 -17.79
C ARG A 21 -5.68 2.18 -17.14
N PHE A 22 -4.37 2.06 -17.30
CA PHE A 22 -3.62 0.95 -16.74
C PHE A 22 -2.50 1.52 -15.88
N ILE A 23 -2.42 1.09 -14.61
CA ILE A 23 -1.36 1.52 -13.70
C ILE A 23 -0.67 0.25 -13.19
N ALA A 24 0.65 0.26 -13.13
CA ALA A 24 1.39 -0.83 -12.50
C ALA A 24 2.30 -0.22 -11.45
N VAL A 25 2.39 -0.86 -10.28
CA VAL A 25 3.37 -0.50 -9.27
C VAL A 25 4.16 -1.74 -8.87
N GLY A 26 5.46 -1.58 -8.68
CA GLY A 26 6.34 -2.66 -8.25
C GLY A 26 6.88 -2.39 -6.86
N TYR A 27 6.95 -3.45 -6.05
CA TYR A 27 7.44 -3.37 -4.68
C TYR A 27 8.54 -4.38 -4.46
N VAL A 28 9.57 -3.97 -3.73
CA VAL A 28 10.47 -4.90 -3.07
C VAL A 28 10.18 -4.75 -1.59
N ASP A 29 9.69 -5.82 -0.98
CA ASP A 29 9.27 -5.79 0.41
C ASP A 29 8.25 -4.65 0.54
N ASP A 30 8.46 -3.72 1.46
CA ASP A 30 7.54 -2.61 1.65
C ASP A 30 7.94 -1.35 0.87
N THR A 31 8.77 -1.47 -0.15
CA THR A 31 9.31 -0.30 -0.85
C THR A 31 8.80 -0.27 -2.29
N GLN A 32 7.99 0.72 -2.64
CA GLN A 32 7.62 0.89 -4.04
C GLN A 32 8.83 1.36 -4.82
N PHE A 33 9.23 0.64 -5.88
CA PHE A 33 10.43 1.04 -6.61
C PHE A 33 10.18 1.44 -8.06
N VAL A 34 9.02 1.10 -8.64
CA VAL A 34 8.71 1.49 -10.02
C VAL A 34 7.21 1.74 -10.13
N ARG A 35 6.82 2.46 -11.19
CA ARG A 35 5.41 2.69 -11.50
C ARG A 35 5.24 2.86 -13.01
N PHE A 36 4.05 2.51 -13.49
CA PHE A 36 3.63 2.78 -14.86
C PHE A 36 2.21 3.31 -14.79
N ASP A 37 1.90 4.34 -15.56
CA ASP A 37 0.56 4.91 -15.58
C ASP A 37 0.32 5.44 -16.98
N ASN A 38 -0.61 4.84 -17.72
CA ASN A 38 -0.73 5.27 -19.10
C ASN A 38 -1.60 6.52 -19.26
N TYR A 39 -2.02 7.15 -18.16
CA TYR A 39 -2.56 8.50 -18.22
C TYR A 39 -1.51 9.57 -17.94
N ALA A 40 -0.28 9.17 -17.59
CA ALA A 40 0.81 10.09 -17.33
C ALA A 40 1.54 10.45 -18.63
N PRO A 41 2.34 11.50 -18.63
CA PRO A 41 3.13 11.84 -19.83
C PRO A 41 4.08 10.72 -20.22
N ASN A 42 4.10 10.42 -21.53
CA ASN A 42 4.96 9.38 -22.12
C ASN A 42 4.90 8.12 -21.27
N PRO A 43 3.78 7.39 -21.28
CA PRO A 43 3.64 6.22 -20.41
C PRO A 43 4.82 5.27 -20.53
N ARG A 44 5.39 4.92 -19.38
CA ARG A 44 6.60 4.11 -19.37
C ARG A 44 6.83 3.64 -17.94
N MET A 45 7.66 2.61 -17.78
CA MET A 45 8.09 2.27 -16.44
C MET A 45 9.03 3.34 -15.95
N GLU A 46 8.73 3.89 -14.77
CA GLU A 46 9.52 4.98 -14.23
C GLU A 46 10.06 4.64 -12.84
N PRO A 47 11.24 5.15 -12.49
CA PRO A 47 11.78 4.88 -11.16
C PRO A 47 11.04 5.67 -10.10
N ARG A 48 10.90 5.05 -8.91
CA ARG A 48 10.29 5.74 -7.78
C ARG A 48 11.15 5.66 -6.52
N VAL A 49 12.35 5.08 -6.60
CA VAL A 49 13.36 5.15 -5.54
C VAL A 49 14.72 5.35 -6.17
N PRO A 50 15.66 5.95 -5.44
CA PRO A 50 16.98 6.20 -6.02
C PRO A 50 17.76 4.97 -6.47
N TRP A 51 17.66 3.83 -5.75
CA TRP A 51 18.58 2.72 -6.03
C TRP A 51 18.25 1.99 -7.32
N ILE A 52 17.00 2.06 -7.81
CA ILE A 52 16.72 1.45 -9.11
C ILE A 52 17.21 2.31 -10.26
N GLN A 53 17.53 3.58 -10.01
CA GLN A 53 18.00 4.45 -11.08
C GLN A 53 19.35 4.02 -11.68
N GLN A 54 20.02 3.05 -11.06
CA GLN A 54 21.27 2.55 -11.64
C GLN A 54 21.05 1.51 -12.73
N GLU A 55 19.81 1.11 -12.99
CA GLU A 55 19.54 0.26 -14.16
C GLU A 55 19.68 1.09 -15.43
N GLY A 56 20.28 0.49 -16.45
CA GLY A 56 20.52 1.16 -17.71
C GLY A 56 19.28 1.28 -18.56
N GLN A 57 19.43 1.97 -19.70
CA GLN A 57 18.26 2.27 -20.51
C GLN A 57 17.60 1.02 -21.09
N GLU A 58 18.36 -0.05 -21.31
CA GLU A 58 17.70 -1.25 -21.85
C GLU A 58 16.74 -1.86 -20.83
N TYR A 59 17.09 -1.81 -19.55
CA TYR A 59 16.15 -2.27 -18.51
C TYR A 59 14.83 -1.51 -18.60
N TRP A 60 14.91 -0.18 -18.64
CA TRP A 60 13.68 0.61 -18.71
C TRP A 60 12.94 0.33 -20.00
N ASP A 61 13.68 0.22 -21.12
CA ASP A 61 13.05 -0.07 -22.40
C ASP A 61 12.27 -1.39 -22.34
N ARG A 62 12.87 -2.44 -21.77
CA ARG A 62 12.17 -3.73 -21.74
C ARG A 62 10.95 -3.67 -20.83
N GLU A 63 11.09 -3.03 -19.66
CA GLU A 63 9.95 -2.94 -18.76
C GLU A 63 8.81 -2.15 -19.38
N THR A 64 9.15 -1.09 -20.13
CA THR A 64 8.12 -0.26 -20.75
C THR A 64 7.40 -1.03 -21.86
N ARG A 65 8.18 -1.68 -22.74
CA ARG A 65 7.56 -2.47 -23.81
C ARG A 65 6.65 -3.54 -23.23
N ASN A 66 7.10 -4.22 -22.18
CA ASN A 66 6.35 -5.33 -21.62
C ASN A 66 5.06 -4.88 -20.97
N VAL A 67 5.12 -3.79 -20.19
CA VAL A 67 3.92 -3.32 -19.52
C VAL A 67 2.94 -2.67 -20.50
N LYS A 68 3.45 -2.04 -21.56
CA LYS A 68 2.54 -1.52 -22.59
C LYS A 68 1.74 -2.65 -23.21
N GLU A 69 2.39 -3.79 -23.46
CA GLU A 69 1.67 -4.91 -24.04
C GLU A 69 0.67 -5.47 -23.04
N THR A 70 1.04 -5.50 -21.75
CA THR A 70 0.09 -5.94 -20.75
C THR A 70 -1.12 -5.01 -20.68
N ALA A 71 -0.91 -3.69 -20.75
CA ALA A 71 -2.04 -2.77 -20.71
C ALA A 71 -2.99 -3.03 -21.86
N GLN A 72 -2.41 -3.32 -23.03
CA GLN A 72 -3.19 -3.71 -24.20
C GLN A 72 -4.04 -4.95 -23.91
N THR A 73 -3.42 -6.00 -23.36
CA THR A 73 -4.13 -7.22 -23.00
C THR A 73 -5.22 -6.95 -21.98
N TYR A 74 -4.97 -6.06 -21.02
CA TYR A 74 -5.98 -5.79 -20.00
C TYR A 74 -7.12 -4.93 -20.52
N GLY A 75 -6.84 -4.07 -21.50
CA GLY A 75 -7.92 -3.32 -22.14
C GLY A 75 -8.89 -4.23 -22.85
N VAL A 76 -8.36 -5.18 -23.63
CA VAL A 76 -9.23 -6.18 -24.24
C VAL A 76 -9.87 -7.05 -23.16
N GLY A 77 -9.11 -7.36 -22.10
CA GLY A 77 -9.66 -8.17 -21.03
C GLY A 77 -10.88 -7.55 -20.37
N LEU A 78 -10.84 -6.24 -20.12
CA LEU A 78 -12.02 -5.56 -19.59
C LEU A 78 -13.20 -5.70 -20.54
N ASN A 79 -12.95 -5.52 -21.84
CA ASN A 79 -13.97 -5.78 -22.86
C ASN A 79 -14.53 -7.18 -22.74
N THR A 80 -13.66 -8.17 -22.59
CA THR A 80 -14.09 -9.56 -22.62
C THR A 80 -14.92 -9.92 -21.39
N LEU A 81 -14.48 -9.48 -20.21
CA LEU A 81 -15.21 -9.83 -19.00
C LEU A 81 -16.56 -9.12 -18.94
N ARG A 82 -16.64 -7.90 -19.47
CA ARG A 82 -17.93 -7.22 -19.59
C ARG A 82 -18.92 -8.08 -20.35
N GLY A 83 -18.46 -8.71 -21.43
CA GLY A 83 -19.29 -9.66 -22.16
C GLY A 83 -19.62 -10.91 -21.35
N TYR A 84 -18.61 -11.51 -20.70
CA TYR A 84 -18.88 -12.69 -19.85
C TYR A 84 -20.01 -12.41 -18.86
N TYR A 85 -20.02 -11.22 -18.29
CA TYR A 85 -20.98 -10.84 -17.26
C TYR A 85 -22.21 -10.13 -17.81
N ASN A 86 -22.33 -9.99 -19.14
CA ASN A 86 -23.51 -9.43 -19.77
C ASN A 86 -23.75 -8.00 -19.31
N GLN A 87 -22.67 -7.23 -19.23
CA GLN A 87 -22.74 -5.90 -18.65
C GLN A 87 -22.72 -4.85 -19.76
N SER A 88 -23.29 -3.69 -19.46
CA SER A 88 -23.39 -2.65 -20.48
C SER A 88 -22.05 -1.95 -20.68
N GLU A 89 -21.94 -1.24 -21.80
CA GLU A 89 -20.73 -0.52 -22.14
C GLU A 89 -20.62 0.84 -21.46
N ALA A 90 -21.66 1.29 -20.75
CA ALA A 90 -21.64 2.64 -20.20
C ALA A 90 -20.89 2.75 -18.87
N GLY A 91 -20.72 1.64 -18.14
CA GLY A 91 -20.15 1.69 -16.81
C GLY A 91 -18.67 1.41 -16.78
N SER A 92 -18.02 1.89 -15.72
CA SER A 92 -16.60 1.61 -15.50
C SER A 92 -16.40 0.37 -14.65
N HIS A 93 -15.40 -0.43 -15.01
CA HIS A 93 -15.11 -1.67 -14.32
C HIS A 93 -13.62 -1.74 -14.02
N THR A 94 -13.26 -2.64 -13.12
CA THR A 94 -11.90 -2.75 -12.60
C THR A 94 -11.40 -4.18 -12.78
N LEU A 95 -10.20 -4.32 -13.37
CA LEU A 95 -9.51 -5.60 -13.40
C LEU A 95 -8.17 -5.43 -12.70
N GLN A 96 -7.96 -6.21 -11.63
CA GLN A 96 -6.73 -6.11 -10.85
C GLN A 96 -6.00 -7.44 -10.91
N SER A 97 -4.67 -7.35 -10.87
CA SER A 97 -3.80 -8.51 -10.72
C SER A 97 -2.67 -8.16 -9.76
N MET A 98 -2.30 -9.14 -8.92
CA MET A 98 -1.09 -9.07 -8.11
C MET A 98 -0.32 -10.37 -8.24
N TYR A 99 1.00 -10.26 -8.35
CA TYR A 99 1.83 -11.45 -8.44
C TYR A 99 3.19 -11.13 -7.84
N GLY A 100 3.88 -12.16 -7.40
CA GLY A 100 5.13 -11.92 -6.73
C GLY A 100 5.73 -13.18 -6.18
N CYS A 101 6.95 -13.02 -5.68
CA CYS A 101 7.77 -14.15 -5.27
C CYS A 101 8.43 -13.84 -3.95
N TYR A 102 8.54 -14.85 -3.08
CA TYR A 102 9.24 -14.72 -1.82
C TYR A 102 10.54 -15.51 -1.88
N LEU A 103 11.60 -14.95 -1.28
CA LEU A 103 12.94 -15.48 -1.42
C LEU A 103 13.25 -16.46 -0.29
N GLY A 104 13.66 -17.68 -0.66
CA GLY A 104 14.01 -18.71 0.29
C GLY A 104 15.45 -18.60 0.74
N PRO A 105 15.85 -19.45 1.69
CA PRO A 105 17.17 -19.27 2.31
C PRO A 105 18.33 -19.65 1.42
N ASP A 106 18.03 -20.32 0.31
CA ASP A 106 19.00 -20.76 -0.69
C ASP A 106 19.06 -19.84 -1.89
N GLY A 107 18.32 -18.73 -1.86
CA GLY A 107 18.21 -17.87 -3.02
C GLY A 107 17.16 -18.32 -4.02
N LEU A 108 16.47 -19.43 -3.77
CA LEU A 108 15.42 -19.89 -4.66
C LEU A 108 14.05 -19.45 -4.15
N LEU A 109 13.02 -19.78 -4.92
CA LEU A 109 11.66 -19.37 -4.57
C LEU A 109 11.22 -20.11 -3.32
N LEU A 110 10.74 -19.35 -2.34
CA LEU A 110 10.13 -19.95 -1.15
C LEU A 110 8.66 -20.28 -1.43
N HIS A 111 7.92 -19.32 -1.95
CA HIS A 111 6.58 -19.49 -2.48
C HIS A 111 6.28 -18.25 -3.31
N GLY A 112 5.34 -18.38 -4.24
CA GLY A 112 4.93 -17.23 -5.02
C GLY A 112 3.47 -17.30 -5.35
N TYR A 113 2.97 -16.25 -5.99
CA TYR A 113 1.52 -16.14 -6.18
C TYR A 113 1.20 -15.34 -7.44
N ARG A 114 -0.01 -15.56 -7.96
CA ARG A 114 -0.55 -14.77 -9.07
C ARG A 114 -2.06 -14.85 -8.99
N GLN A 115 -2.73 -13.70 -8.82
CA GLN A 115 -4.16 -13.65 -8.50
C GLN A 115 -4.79 -12.46 -9.19
N ASP A 116 -6.07 -12.62 -9.55
CA ASP A 116 -6.85 -11.59 -10.22
C ASP A 116 -8.14 -11.32 -9.47
N ALA A 117 -8.62 -10.06 -9.58
CA ALA A 117 -9.95 -9.68 -9.13
C ALA A 117 -10.62 -8.83 -10.20
N TYR A 118 -11.94 -9.01 -10.35
CA TYR A 118 -12.76 -8.19 -11.24
C TYR A 118 -13.79 -7.46 -10.40
N ASP A 119 -13.82 -6.13 -10.54
CA ASP A 119 -14.72 -5.28 -9.75
C ASP A 119 -14.60 -5.59 -8.25
N GLY A 120 -13.37 -5.83 -7.79
CA GLY A 120 -13.10 -5.96 -6.38
C GLY A 120 -13.41 -7.31 -5.77
N ALA A 121 -13.76 -8.30 -6.58
CA ALA A 121 -14.02 -9.67 -6.14
C ALA A 121 -13.08 -10.62 -6.86
N ASP A 122 -12.57 -11.60 -6.13
CA ASP A 122 -11.66 -12.58 -6.71
C ASP A 122 -12.26 -13.20 -7.96
N TYR A 123 -11.42 -13.32 -8.98
CA TYR A 123 -11.80 -13.84 -10.29
C TYR A 123 -11.10 -15.15 -10.61
N ILE A 124 -9.76 -15.15 -10.68
CA ILE A 124 -9.01 -16.39 -10.91
C ILE A 124 -7.70 -16.27 -10.13
N ALA A 125 -7.16 -17.42 -9.70
CA ALA A 125 -5.87 -17.40 -9.02
C ALA A 125 -5.08 -18.66 -9.34
N LEU A 126 -3.77 -18.49 -9.45
CA LEU A 126 -2.84 -19.59 -9.51
C LEU A 126 -2.80 -20.29 -8.15
N ASN A 127 -2.88 -21.61 -8.15
CA ASN A 127 -2.89 -22.34 -6.90
C ASN A 127 -1.48 -22.43 -6.31
N GLU A 128 -1.42 -22.86 -5.04
CA GLU A 128 -0.15 -22.94 -4.32
C GLU A 128 0.88 -23.79 -5.04
N ASP A 129 0.45 -24.79 -5.81
CA ASP A 129 1.41 -25.66 -6.47
C ASP A 129 1.92 -25.09 -7.78
N LEU A 130 1.42 -23.91 -8.21
CA LEU A 130 1.89 -23.24 -9.42
C LEU A 130 1.67 -24.06 -10.69
N ARG A 131 0.74 -25.04 -10.64
CA ARG A 131 0.45 -25.90 -11.77
C ARG A 131 -1.03 -25.90 -12.17
N SER A 132 -1.87 -25.16 -11.47
CA SER A 132 -3.32 -25.23 -11.66
C SER A 132 -3.92 -23.90 -11.22
N TRP A 133 -5.16 -23.67 -11.66
CA TRP A 133 -5.88 -22.43 -11.39
C TRP A 133 -7.20 -22.71 -10.68
N THR A 134 -7.66 -21.72 -9.91
CA THR A 134 -8.97 -21.75 -9.28
C THR A 134 -9.80 -20.59 -9.82
N ALA A 135 -10.93 -20.93 -10.45
CA ALA A 135 -11.85 -19.93 -10.98
C ALA A 135 -12.98 -19.67 -9.99
N ALA A 136 -13.31 -18.40 -9.79
CA ALA A 136 -14.34 -18.01 -8.83
C ALA A 136 -15.76 -18.29 -9.31
N ASP A 137 -16.01 -18.23 -10.62
CA ASP A 137 -17.37 -18.35 -11.12
C ASP A 137 -17.33 -18.89 -12.55
N MET A 138 -18.52 -18.96 -13.18
CA MET A 138 -18.62 -19.50 -14.52
C MET A 138 -17.89 -18.64 -15.54
N ALA A 139 -17.85 -17.33 -15.32
CA ALA A 139 -17.08 -16.47 -16.20
C ALA A 139 -15.61 -16.80 -16.14
N ALA A 140 -15.04 -16.85 -14.93
CA ALA A 140 -13.62 -17.13 -14.80
C ALA A 140 -13.26 -18.54 -15.27
N GLN A 141 -14.24 -19.44 -15.31
CA GLN A 141 -13.99 -20.77 -15.88
C GLN A 141 -13.63 -20.68 -17.36
N ILE A 142 -14.20 -19.70 -18.06
CA ILE A 142 -13.86 -19.48 -19.46
C ILE A 142 -12.40 -19.07 -19.58
N THR A 143 -12.01 -18.07 -18.78
CA THR A 143 -10.62 -17.64 -18.74
C THR A 143 -9.70 -18.79 -18.35
N LYS A 144 -10.13 -19.62 -17.39
CA LYS A 144 -9.31 -20.74 -16.95
C LYS A 144 -9.07 -21.71 -18.10
N ARG A 145 -10.10 -21.99 -18.90
CA ARG A 145 -9.92 -22.92 -20.01
C ARG A 145 -8.92 -22.36 -21.03
N LYS A 146 -8.94 -21.05 -21.27
CA LYS A 146 -8.01 -20.42 -22.19
C LYS A 146 -6.57 -20.51 -21.67
N TRP A 147 -6.38 -20.25 -20.37
CA TRP A 147 -5.04 -20.26 -19.80
C TRP A 147 -4.47 -21.67 -19.72
N GLU A 148 -5.33 -22.67 -19.49
CA GLU A 148 -4.88 -24.07 -19.48
C GLU A 148 -4.45 -24.50 -20.88
N ALA A 149 -5.24 -24.15 -21.90
CA ALA A 149 -4.86 -24.50 -23.27
C ALA A 149 -3.57 -23.81 -23.69
N ALA A 150 -3.28 -22.64 -23.11
CA ALA A 150 -2.06 -21.91 -23.40
C ALA A 150 -0.90 -22.26 -22.48
N ASP A 151 -1.09 -23.21 -21.57
CA ASP A 151 -0.07 -23.60 -20.60
C ASP A 151 0.48 -22.40 -19.83
N GLU A 152 -0.43 -21.49 -19.46
CA GLU A 152 -0.01 -20.28 -18.76
C GLU A 152 0.56 -20.58 -17.38
N ALA A 153 0.11 -21.66 -16.72
CA ALA A 153 0.64 -21.93 -15.38
C ALA A 153 2.13 -22.23 -15.43
N GLU A 154 2.59 -22.99 -16.44
CA GLU A 154 4.02 -23.21 -16.58
C GLU A 154 4.78 -21.91 -16.80
N ARG A 155 4.19 -20.98 -17.55
CA ARG A 155 4.83 -19.69 -17.77
C ARG A 155 4.94 -18.92 -16.48
N ALA A 156 3.89 -18.98 -15.67
CA ALA A 156 3.90 -18.35 -14.35
C ALA A 156 4.95 -18.95 -13.45
N ARG A 157 4.92 -20.26 -13.30
CA ARG A 157 5.85 -20.97 -12.44
C ARG A 157 7.29 -20.66 -12.83
N SER A 158 7.60 -20.74 -14.13
CA SER A 158 8.95 -20.42 -14.60
C SER A 158 9.37 -19.01 -14.20
N TYR A 159 8.49 -18.03 -14.44
CA TYR A 159 8.79 -16.66 -14.05
C TYR A 159 9.07 -16.58 -12.54
N LEU A 160 8.16 -17.13 -11.74
CA LEU A 160 8.28 -17.01 -10.29
C LEU A 160 9.54 -17.68 -9.78
N GLN A 161 9.88 -18.84 -10.34
CA GLN A 161 11.05 -19.58 -9.91
C GLN A 161 12.34 -19.06 -10.52
N GLY A 162 12.26 -18.21 -11.55
CA GLY A 162 13.44 -17.75 -12.26
C GLY A 162 13.61 -16.25 -12.22
N LEU A 163 13.10 -15.56 -13.26
CA LEU A 163 13.29 -14.13 -13.36
C LEU A 163 12.89 -13.40 -12.08
N CYS A 164 11.78 -13.80 -11.46
CA CYS A 164 11.29 -13.07 -10.29
C CYS A 164 12.31 -13.12 -9.15
N VAL A 165 12.79 -14.30 -8.76
CA VAL A 165 13.72 -14.31 -7.64
C VAL A 165 15.09 -13.74 -8.04
N GLU A 166 15.51 -13.93 -9.29
CA GLU A 166 16.80 -13.40 -9.71
C GLU A 166 16.79 -11.87 -9.72
N SER A 167 15.70 -11.27 -10.20
CA SER A 167 15.55 -9.82 -10.15
C SER A 167 15.50 -9.36 -8.70
N LEU A 168 14.75 -10.06 -7.86
CA LEU A 168 14.68 -9.77 -6.43
C LEU A 168 16.06 -9.71 -5.83
N ARG A 169 16.87 -10.75 -6.05
CA ARG A 169 18.21 -10.80 -5.48
C ARG A 169 19.06 -9.63 -5.96
N ARG A 170 18.90 -9.23 -7.23
CA ARG A 170 19.65 -8.08 -7.72
C ARG A 170 19.18 -6.78 -7.06
N TYR A 171 17.86 -6.58 -6.95
CA TYR A 171 17.34 -5.38 -6.30
C TYR A 171 17.77 -5.31 -4.84
N LEU A 172 17.76 -6.44 -4.15
CA LEU A 172 18.16 -6.46 -2.75
C LEU A 172 19.60 -5.98 -2.59
N GLU A 173 20.46 -6.34 -3.54
CA GLU A 173 21.84 -5.85 -3.54
C GLU A 173 21.87 -4.34 -3.77
N MET A 174 21.24 -3.85 -4.84
CA MET A 174 21.32 -2.42 -5.16
C MET A 174 20.72 -1.56 -4.04
N GLY A 175 19.64 -2.01 -3.42
CA GLY A 175 19.05 -1.21 -2.38
C GLY A 175 19.37 -1.69 -0.97
N LYS A 176 20.59 -2.20 -0.75
CA LYS A 176 20.89 -2.84 0.52
C LYS A 176 20.76 -1.87 1.70
N ASP A 177 21.13 -0.60 1.50
CA ASP A 177 21.15 0.37 2.60
C ASP A 177 19.78 0.60 3.20
N THR A 178 18.72 0.38 2.45
CA THR A 178 17.35 0.50 2.95
C THR A 178 16.62 -0.83 3.02
N LEU A 179 16.83 -1.73 2.04
CA LEU A 179 16.08 -2.98 2.01
C LEU A 179 16.64 -4.03 2.96
N GLN A 180 17.93 -3.96 3.29
CA GLN A 180 18.58 -4.96 4.12
C GLN A 180 19.22 -4.36 5.36
N ARG A 181 18.96 -3.10 5.66
CA ARG A 181 19.40 -2.48 6.90
C ARG A 181 18.18 -1.79 7.48
N ALA A 182 17.52 -2.45 8.44
CA ALA A 182 16.27 -1.90 8.97
C ALA A 182 16.53 -0.57 9.66
N GLU A 183 15.58 0.36 9.50
CA GLU A 183 15.63 1.63 10.19
C GLU A 183 14.74 1.54 11.42
N PRO A 184 15.29 1.70 12.62
CA PRO A 184 14.48 1.52 13.83
C PRO A 184 13.52 2.67 14.05
N PRO A 185 12.47 2.45 14.83
CA PRO A 185 11.54 3.55 15.11
C PRO A 185 12.14 4.58 16.04
N LYS A 186 11.74 5.83 15.82
CA LYS A 186 11.93 6.89 16.81
C LYS A 186 10.68 6.93 17.68
N THR A 187 10.86 6.80 18.99
CA THR A 187 9.77 6.53 19.91
C THR A 187 9.66 7.61 20.98
N HIS A 188 8.43 7.96 21.34
CA HIS A 188 8.16 8.86 22.46
C HIS A 188 6.74 8.61 22.96
N VAL A 189 6.49 8.99 24.20
CA VAL A 189 5.18 8.86 24.83
C VAL A 189 4.65 10.26 25.12
N THR A 190 3.40 10.51 24.79
CA THR A 190 2.71 11.73 25.15
C THR A 190 1.56 11.42 26.11
N ARG A 191 1.16 12.44 26.87
CA ARG A 191 0.16 12.29 27.92
C ARG A 191 -0.94 13.31 27.69
N HIS A 192 -2.19 12.86 27.71
CA HIS A 192 -3.36 13.73 27.56
C HIS A 192 -4.34 13.44 28.67
N PRO A 193 -4.50 14.30 29.67
CA PRO A 193 -5.68 14.19 30.53
C PRO A 193 -6.92 14.15 29.67
N SER A 194 -7.77 13.13 29.89
CA SER A 194 -8.95 12.93 29.07
C SER A 194 -10.25 12.88 29.86
N SER A 195 -10.20 12.65 31.17
CA SER A 195 -11.40 12.61 32.01
C SER A 195 -10.94 12.61 33.46
N ASP A 196 -11.90 12.80 34.38
CA ASP A 196 -11.56 12.91 35.79
C ASP A 196 -10.81 11.68 36.28
N LEU A 197 -11.15 10.50 35.76
CA LEU A 197 -10.56 9.26 36.23
C LEU A 197 -9.78 8.56 35.13
N GLY A 198 -9.32 9.31 34.12
CA GLY A 198 -8.56 8.72 33.05
C GLY A 198 -7.60 9.68 32.38
N VAL A 199 -6.38 9.22 32.14
CA VAL A 199 -5.37 9.95 31.39
C VAL A 199 -5.01 9.09 30.19
N THR A 200 -4.85 9.71 29.02
CA THR A 200 -4.53 8.98 27.81
C THR A 200 -3.02 9.04 27.61
N LEU A 201 -2.37 7.87 27.52
CA LEU A 201 -0.95 7.79 27.16
C LEU A 201 -0.87 7.28 25.74
N ARG A 202 -0.08 7.93 24.90
CA ARG A 202 0.04 7.51 23.51
C ARG A 202 1.50 7.20 23.23
N CYS A 203 1.77 5.99 22.77
CA CYS A 203 3.12 5.56 22.47
C CYS A 203 3.32 5.63 20.95
N TRP A 204 4.27 6.46 20.52
CA TRP A 204 4.51 6.71 19.10
C TRP A 204 5.75 5.95 18.63
N ALA A 205 5.65 5.40 17.42
CA ALA A 205 6.80 4.83 16.72
C ALA A 205 6.82 5.46 15.33
N LEU A 206 7.91 6.16 15.02
CA LEU A 206 7.93 7.01 13.85
C LEU A 206 9.15 6.71 12.99
N GLY A 207 8.98 6.78 11.68
CA GLY A 207 10.12 6.67 10.77
C GLY A 207 10.81 5.32 10.64
N PHE A 208 10.08 4.22 10.84
CA PHE A 208 10.69 2.90 10.84
C PHE A 208 10.47 2.16 9.52
N TYR A 209 11.35 1.20 9.26
CA TYR A 209 11.30 0.31 8.06
C TYR A 209 12.05 -0.99 8.37
N PRO A 210 11.51 -2.21 8.12
CA PRO A 210 10.23 -2.44 7.42
C PRO A 210 8.96 -2.10 8.22
N LYS A 211 7.78 -2.26 7.60
CA LYS A 211 6.59 -1.75 8.24
C LYS A 211 6.10 -2.63 9.39
N GLU A 212 6.50 -3.90 9.44
CA GLU A 212 6.09 -4.75 10.57
C GLU A 212 6.69 -4.22 11.87
N ILE A 213 5.86 -4.18 12.91
CA ILE A 213 6.27 -3.65 14.22
C ILE A 213 5.26 -4.12 15.25
N SER A 214 5.69 -4.18 16.51
CA SER A 214 4.78 -4.47 17.62
C SER A 214 4.90 -3.36 18.65
N LEU A 215 3.77 -2.70 18.94
CA LEU A 215 3.65 -1.77 20.04
C LEU A 215 2.59 -2.30 21.01
N THR A 216 2.95 -2.43 22.27
CA THR A 216 2.02 -2.90 23.29
C THR A 216 2.26 -2.09 24.56
N TRP A 217 1.22 -2.03 25.37
CA TRP A 217 1.29 -1.37 26.67
C TRP A 217 1.21 -2.44 27.75
N GLN A 218 1.98 -2.25 28.82
CA GLN A 218 2.02 -3.19 29.92
C GLN A 218 2.19 -2.43 31.23
N ARG A 219 1.31 -2.73 32.18
CA ARG A 219 1.48 -2.19 33.55
C ARG A 219 2.13 -3.30 34.38
N GLU A 220 3.33 -3.03 34.89
CA GLU A 220 4.14 -3.94 35.74
C GLU A 220 3.99 -5.44 35.40
N GLY A 221 4.13 -5.84 34.13
CA GLY A 221 4.09 -7.27 33.78
C GLY A 221 3.01 -7.74 32.82
N GLN A 222 1.73 -7.43 33.05
CA GLN A 222 0.67 -7.99 32.22
C GLN A 222 0.34 -7.08 31.05
N ASP A 223 0.08 -7.71 29.89
CA ASP A 223 -0.20 -6.97 28.62
C ASP A 223 -1.62 -6.39 28.64
N GLN A 224 -1.79 -5.09 28.36
CA GLN A 224 -3.16 -4.51 28.31
C GLN A 224 -3.77 -4.83 26.94
N SER A 225 -4.92 -5.50 26.88
CA SER A 225 -5.41 -5.92 25.53
C SER A 225 -6.93 -5.94 25.40
N GLN A 226 -7.65 -5.08 26.12
CA GLN A 226 -9.11 -5.02 25.94
C GLN A 226 -9.37 -3.91 24.92
N ASP A 227 -8.97 -2.70 25.30
CA ASP A 227 -9.04 -1.47 24.48
C ASP A 227 -7.76 -0.60 24.53
N MET A 228 -6.63 -1.03 23.95
CA MET A 228 -5.65 0.01 23.72
C MET A 228 -5.73 0.36 22.23
N GLU A 229 -6.22 1.56 21.93
CA GLU A 229 -6.45 1.96 20.54
C GLU A 229 -5.13 2.02 19.77
N LEU A 230 -5.04 1.28 18.68
CA LEU A 230 -3.82 1.23 17.88
C LEU A 230 -4.19 1.51 16.42
N VAL A 231 -3.62 2.58 15.86
CA VAL A 231 -3.94 2.94 14.49
C VAL A 231 -3.27 1.97 13.53
N GLU A 232 -3.88 1.81 12.36
CA GLU A 232 -3.22 1.08 11.28
C GLU A 232 -1.91 1.76 10.95
N THR A 233 -0.87 0.93 10.79
CA THR A 233 0.43 1.42 10.36
C THR A 233 0.26 2.20 9.06
N ARG A 234 0.87 3.38 8.99
CA ARG A 234 0.61 4.31 7.91
C ARG A 234 1.93 4.86 7.37
N PRO A 235 1.96 5.23 6.09
CA PRO A 235 3.23 5.69 5.49
C PRO A 235 3.61 7.08 5.94
N SER A 236 4.91 7.28 6.16
CA SER A 236 5.45 8.57 6.56
C SER A 236 5.55 9.55 5.40
N GLY A 237 5.64 9.07 4.17
CA GLY A 237 5.83 9.89 3.00
C GLY A 237 7.21 9.80 2.40
N ASP A 238 8.18 9.28 3.15
CA ASP A 238 9.58 9.19 2.74
C ASP A 238 10.03 7.75 2.59
N GLY A 239 9.09 6.81 2.47
CA GLY A 239 9.39 5.40 2.42
C GLY A 239 9.44 4.68 3.75
N THR A 240 9.29 5.40 4.87
CA THR A 240 9.21 4.78 6.19
C THR A 240 7.76 4.77 6.65
N PHE A 241 7.53 4.23 7.85
CA PHE A 241 6.17 4.04 8.36
C PHE A 241 6.04 4.63 9.75
N GLN A 242 4.79 4.76 10.20
CA GLN A 242 4.58 5.20 11.58
C GLN A 242 3.34 4.52 12.15
N LYS A 243 3.29 4.44 13.47
CA LYS A 243 2.15 3.85 14.17
C LYS A 243 2.12 4.39 15.59
N TRP A 244 0.94 4.41 16.20
CA TRP A 244 0.88 4.69 17.63
C TRP A 244 -0.13 3.76 18.28
N ALA A 245 0.02 3.63 19.61
CA ALA A 245 -0.87 2.81 20.42
C ALA A 245 -1.15 3.59 21.69
N ALA A 246 -2.42 3.72 22.05
CA ALA A 246 -2.81 4.57 23.15
C ALA A 246 -3.68 3.80 24.12
N LEU A 247 -3.58 4.14 25.40
CA LEU A 247 -4.53 3.56 26.35
C LEU A 247 -4.83 4.58 27.44
N VAL A 248 -5.99 4.40 28.07
CA VAL A 248 -6.43 5.28 29.13
C VAL A 248 -6.05 4.65 30.47
N VAL A 249 -5.47 5.43 31.36
CA VAL A 249 -4.92 4.93 32.62
C VAL A 249 -5.42 5.82 33.75
N PRO A 250 -5.51 5.32 34.99
CA PRO A 250 -5.92 6.21 36.10
C PRO A 250 -4.91 7.32 36.36
N PRO A 251 -5.40 8.52 36.69
CA PRO A 251 -4.49 9.63 37.06
C PRO A 251 -3.48 9.30 38.15
N GLY A 252 -3.80 8.44 39.10
CA GLY A 252 -2.78 8.01 40.05
C GLY A 252 -1.52 7.48 39.37
N GLU A 253 -1.67 6.85 38.21
CA GLU A 253 -0.60 6.06 37.63
C GLU A 253 -0.44 6.40 36.15
N GLU A 254 0.70 6.93 35.79
CA GLU A 254 1.22 6.93 34.44
C GLU A 254 2.61 6.30 34.39
N GLN A 255 3.41 6.56 35.43
CA GLN A 255 4.75 6.00 35.54
C GLN A 255 4.74 4.48 35.57
N SER A 256 3.66 3.87 36.04
CA SER A 256 3.63 2.42 36.21
C SER A 256 3.40 1.68 34.90
N TYR A 257 3.08 2.39 33.83
CA TYR A 257 2.79 1.78 32.54
C TYR A 257 3.99 1.87 31.63
N THR A 258 4.22 0.80 30.87
CA THR A 258 5.39 0.68 30.02
C THR A 258 4.92 0.37 28.60
N CYS A 259 5.41 1.14 27.64
CA CYS A 259 5.20 0.79 26.23
C CYS A 259 6.38 -0.05 25.75
N HIS A 260 6.08 -1.20 25.14
CA HIS A 260 7.10 -2.10 24.61
C HIS A 260 7.08 -2.02 23.09
N VAL A 261 8.25 -1.87 22.48
CA VAL A 261 8.39 -1.71 21.04
C VAL A 261 9.30 -2.82 20.51
N GLN A 262 8.77 -3.61 19.58
CA GLN A 262 9.51 -4.66 18.88
C GLN A 262 9.63 -4.26 17.42
N HIS A 263 10.86 -4.20 16.92
CA HIS A 263 11.10 -3.93 15.50
C HIS A 263 12.47 -4.49 15.11
N GLU A 264 12.59 -4.89 13.84
CA GLU A 264 13.84 -5.50 13.38
C GLU A 264 15.00 -4.53 13.45
N GLY A 265 14.74 -3.22 13.44
CA GLY A 265 15.81 -2.23 13.53
C GLY A 265 16.39 -2.05 14.91
N LEU A 266 15.75 -2.59 15.93
CA LEU A 266 16.24 -2.56 17.29
C LEU A 266 16.92 -3.90 17.58
N GLN A 267 18.18 -3.84 18.01
CA GLN A 267 18.86 -5.06 18.44
C GLN A 267 18.05 -5.78 19.52
N GLU A 268 17.39 -5.01 20.38
CA GLU A 268 16.60 -5.60 21.49
C GLU A 268 15.29 -4.82 21.66
N PRO A 269 14.18 -5.46 22.13
CA PRO A 269 12.92 -4.76 22.35
C PRO A 269 13.11 -3.50 23.22
N LEU A 270 12.45 -2.41 22.84
CA LEU A 270 12.59 -1.13 23.58
C LEU A 270 11.43 -0.93 24.55
N THR A 271 11.70 -0.28 25.69
CA THR A 271 10.66 0.08 26.68
C THR A 271 10.65 1.62 26.80
N LEU A 272 9.46 2.19 26.93
CA LEU A 272 9.27 3.66 27.06
C LEU A 272 8.27 3.87 28.20
N ARG A 273 8.25 4.99 28.96
CA ARG A 273 7.33 4.89 30.14
C ARG A 273 6.33 6.01 30.46
N TRP A 274 6.80 7.20 30.84
CA TRP A 274 5.83 8.16 31.41
C TRP A 274 5.74 9.48 30.66
N ASP A 275 4.84 10.34 31.15
CA ASP A 275 4.63 11.72 30.66
C ASP A 275 3.74 12.47 31.65
N VAL B 1 -19.39 -4.95 -5.36
CA VAL B 1 -19.56 -4.35 -4.05
C VAL B 1 -18.62 -3.14 -3.90
N ALA B 2 -19.12 -2.08 -3.26
CA ALA B 2 -18.33 -0.88 -3.05
C ALA B 2 -17.98 -0.75 -1.58
N ARG B 3 -16.72 -0.37 -1.31
CA ARG B 3 -16.17 -0.29 0.04
C ARG B 3 -15.75 1.14 0.32
N PRO B 4 -16.20 1.74 1.42
CA PRO B 4 -15.89 3.15 1.69
C PRO B 4 -14.46 3.32 2.15
N PRO B 5 -13.89 4.51 1.94
CA PRO B 5 -12.51 4.73 2.35
C PRO B 5 -12.38 4.98 3.84
N LYS B 6 -11.26 4.53 4.39
CA LYS B 6 -10.82 4.91 5.72
C LYS B 6 -9.76 5.98 5.59
N VAL B 7 -9.75 6.94 6.51
CA VAL B 7 -8.97 8.17 6.33
C VAL B 7 -8.18 8.46 7.59
N GLN B 8 -6.87 8.66 7.44
CA GLN B 8 -6.00 9.14 8.51
C GLN B 8 -5.29 10.40 8.03
N VAL B 9 -5.18 11.40 8.90
CA VAL B 9 -4.49 12.65 8.59
C VAL B 9 -3.47 12.89 9.69
N TYR B 10 -2.23 13.19 9.29
CA TYR B 10 -1.15 13.22 10.28
C TYR B 10 0.07 13.87 9.65
N SER B 11 1.00 14.30 10.50
CA SER B 11 2.26 14.86 10.05
C SER B 11 3.33 13.78 10.03
N ARG B 12 4.31 13.95 9.13
CA ARG B 12 5.41 13.00 9.05
C ARG B 12 6.23 12.98 10.33
N HIS B 13 6.49 14.16 10.91
CA HIS B 13 7.23 14.31 12.15
C HIS B 13 6.35 14.97 13.21
N PRO B 14 6.69 14.82 14.49
CA PRO B 14 5.91 15.51 15.53
C PRO B 14 5.87 17.01 15.25
N ALA B 15 4.67 17.56 15.29
CA ALA B 15 4.47 18.94 14.85
C ALA B 15 4.95 19.92 15.91
N GLU B 16 5.69 20.92 15.47
CA GLU B 16 6.04 22.03 16.33
C GLU B 16 5.87 23.31 15.52
N ASN B 17 5.23 24.31 16.12
CA ASN B 17 4.88 25.51 15.37
C ASN B 17 6.12 26.22 14.86
N GLY B 18 6.06 26.67 13.61
CA GLY B 18 7.17 27.35 12.99
C GLY B 18 8.20 26.46 12.32
N LYS B 19 8.09 25.13 12.49
CA LYS B 19 9.09 24.21 11.97
C LYS B 19 8.53 23.43 10.80
N PRO B 20 9.22 23.42 9.66
CA PRO B 20 8.66 22.79 8.46
C PRO B 20 8.48 21.29 8.64
N ASN B 21 7.44 20.77 7.99
CA ASN B 21 6.96 19.41 8.23
C ASN B 21 6.24 18.97 6.96
N TYR B 22 5.57 17.82 7.03
CA TYR B 22 4.85 17.25 5.90
C TYR B 22 3.48 16.78 6.35
N LEU B 23 2.45 17.13 5.59
CA LEU B 23 1.07 16.80 5.92
C LEU B 23 0.63 15.63 5.06
N ASN B 24 0.15 14.57 5.72
CA ASN B 24 -0.21 13.34 5.04
C ASN B 24 -1.69 13.07 5.23
N CYS B 25 -2.34 12.59 4.20
CA CYS B 25 -3.72 12.11 4.27
C CYS B 25 -3.69 10.74 3.62
N TYR B 26 -3.79 9.71 4.43
CA TYR B 26 -3.69 8.32 4.00
C TYR B 26 -5.10 7.77 3.88
N VAL B 27 -5.48 7.36 2.67
CA VAL B 27 -6.83 6.91 2.37
C VAL B 27 -6.74 5.47 1.89
N SER B 28 -7.52 4.57 2.51
CA SER B 28 -7.30 3.13 2.29
C SER B 28 -8.62 2.37 2.39
N GLY B 29 -8.59 1.11 1.93
CA GLY B 29 -9.70 0.21 2.11
C GLY B 29 -10.86 0.40 1.16
N PHE B 30 -10.73 1.22 0.11
CA PHE B 30 -11.90 1.58 -0.68
C PHE B 30 -11.97 0.81 -2.01
N HIS B 31 -13.17 0.82 -2.59
CA HIS B 31 -13.49 0.26 -3.90
C HIS B 31 -14.82 0.85 -4.34
N PRO B 32 -14.97 1.28 -5.61
CA PRO B 32 -14.03 1.24 -6.75
C PRO B 32 -12.90 2.23 -6.56
N PRO B 33 -11.90 2.23 -7.44
CA PRO B 33 -10.72 3.11 -7.20
C PRO B 33 -10.93 4.58 -7.48
N GLN B 34 -11.96 4.98 -8.23
CA GLN B 34 -12.16 6.41 -8.46
C GLN B 34 -12.43 7.10 -7.14
N ILE B 35 -11.70 8.19 -6.88
CA ILE B 35 -11.76 8.88 -5.61
C ILE B 35 -11.15 10.26 -5.79
N GLU B 36 -11.51 11.19 -4.91
CA GLU B 36 -11.02 12.57 -4.99
C GLU B 36 -10.57 12.95 -3.59
N ILE B 37 -9.26 13.18 -3.42
CA ILE B 37 -8.68 13.45 -2.11
C ILE B 37 -8.01 14.82 -2.15
N ASP B 38 -8.45 15.72 -1.26
CA ASP B 38 -7.90 17.07 -1.19
C ASP B 38 -7.43 17.37 0.22
N LEU B 39 -6.21 17.87 0.35
CA LEU B 39 -5.78 18.50 1.60
C LEU B 39 -6.24 19.94 1.59
N LEU B 40 -6.81 20.38 2.71
CA LEU B 40 -7.37 21.71 2.87
C LEU B 40 -6.62 22.45 3.96
N LYS B 41 -6.33 23.73 3.69
CA LYS B 41 -5.77 24.67 4.67
C LYS B 41 -6.80 25.78 4.87
N ASN B 42 -7.36 25.84 6.07
CA ASN B 42 -8.45 26.77 6.39
C ASN B 42 -9.59 26.64 5.38
N GLY B 43 -9.87 25.41 4.97
CA GLY B 43 -10.97 25.09 4.08
C GLY B 43 -10.63 25.15 2.60
N GLU B 44 -9.44 25.59 2.25
CA GLU B 44 -9.08 25.85 0.86
C GLU B 44 -8.06 24.82 0.39
N LYS B 45 -8.24 24.35 -0.84
CA LYS B 45 -7.44 23.25 -1.35
C LYS B 45 -5.97 23.62 -1.43
N MET B 46 -5.11 22.71 -1.00
CA MET B 46 -3.67 22.83 -1.12
C MET B 46 -3.19 22.13 -2.38
N ASN B 47 -2.06 22.60 -2.90
CA ASN B 47 -1.33 21.81 -3.90
C ASN B 47 -0.61 20.67 -3.19
N ALA B 48 -0.81 19.45 -3.68
CA ALA B 48 -0.27 18.28 -2.99
C ALA B 48 0.04 17.20 -4.02
N GLU B 49 0.95 16.29 -3.64
CA GLU B 49 1.27 15.10 -4.43
C GLU B 49 0.33 13.96 -4.07
N GLN B 50 0.08 13.08 -5.03
CA GLN B 50 -0.71 11.87 -4.78
C GLN B 50 0.10 10.68 -5.25
N SER B 51 0.16 9.65 -4.41
CA SER B 51 0.90 8.44 -4.72
C SER B 51 0.25 7.69 -5.89
N ASP B 52 1.03 6.79 -6.49
CA ASP B 52 0.52 5.89 -7.52
C ASP B 52 -0.47 4.91 -6.92
N LEU B 53 -1.58 4.68 -7.63
CA LEU B 53 -2.64 3.83 -7.10
C LEU B 53 -2.11 2.42 -6.84
N SER B 54 -2.32 1.94 -5.62
CA SER B 54 -1.89 0.60 -5.23
C SER B 54 -3.02 -0.04 -4.44
N PHE B 55 -2.85 -1.32 -4.10
CA PHE B 55 -3.90 -1.98 -3.34
C PHE B 55 -3.30 -3.04 -2.43
N SER B 56 -4.07 -3.37 -1.41
CA SER B 56 -3.69 -4.28 -0.35
C SER B 56 -3.98 -5.71 -0.77
N LYS B 57 -3.59 -6.66 0.07
CA LYS B 57 -3.80 -8.07 -0.22
C LYS B 57 -5.27 -8.46 -0.25
N ASP B 58 -6.19 -7.61 0.23
CA ASP B 58 -7.62 -7.87 0.12
C ASP B 58 -8.26 -7.14 -1.06
N TRP B 59 -7.45 -6.64 -1.99
CA TRP B 59 -7.81 -5.92 -3.21
C TRP B 59 -8.23 -4.47 -2.95
N SER B 60 -8.44 -4.03 -1.72
CA SER B 60 -8.90 -2.68 -1.47
C SER B 60 -7.78 -1.68 -1.74
N PHE B 61 -8.14 -0.53 -2.33
CA PHE B 61 -7.15 0.43 -2.79
C PHE B 61 -6.67 1.35 -1.67
N TYR B 62 -5.47 1.92 -1.86
CA TYR B 62 -4.96 2.94 -0.95
C TYR B 62 -4.14 3.99 -1.70
N LEU B 63 -4.18 5.21 -1.18
CA LEU B 63 -3.48 6.35 -1.75
C LEU B 63 -2.95 7.22 -0.63
N LEU B 64 -1.78 7.81 -0.84
CA LEU B 64 -1.23 8.81 0.06
C LEU B 64 -1.21 10.15 -0.65
N VAL B 65 -1.83 11.17 -0.05
CA VAL B 65 -1.80 12.53 -0.55
C VAL B 65 -1.01 13.36 0.46
N HIS B 66 -0.01 14.11 -0.03
CA HIS B 66 0.89 14.77 0.91
C HIS B 66 1.40 16.09 0.35
N THR B 67 1.69 17.01 1.27
CA THR B 67 2.38 18.23 0.87
C THR B 67 3.21 18.74 2.04
N GLU B 68 4.20 19.56 1.72
CA GLU B 68 4.92 20.23 2.79
C GLU B 68 4.06 21.32 3.42
N PHE B 69 4.29 21.55 4.71
CA PHE B 69 3.59 22.63 5.40
C PHE B 69 4.39 23.01 6.63
N THR B 70 4.07 24.18 7.17
CA THR B 70 4.62 24.59 8.46
C THR B 70 3.48 24.92 9.39
N PRO B 71 3.20 24.03 10.35
CA PRO B 71 2.06 24.26 11.22
C PRO B 71 2.33 25.44 12.13
N ASN B 72 1.27 26.15 12.46
CA ASN B 72 1.32 27.25 13.42
C ASN B 72 0.18 27.03 14.40
N ALA B 73 -0.18 28.07 15.15
CA ALA B 73 -1.22 27.94 16.15
C ALA B 73 -2.62 28.14 15.59
N VAL B 74 -2.75 28.91 14.52
CA VAL B 74 -4.06 29.35 14.03
C VAL B 74 -4.55 28.50 12.87
N ASP B 75 -3.64 28.05 12.00
CA ASP B 75 -4.06 27.41 10.77
C ASP B 75 -4.64 26.03 11.05
N GLN B 76 -5.72 25.71 10.36
CA GLN B 76 -6.44 24.45 10.54
C GLN B 76 -6.33 23.65 9.24
N TYR B 77 -5.95 22.38 9.38
CA TYR B 77 -5.75 21.52 8.24
C TYR B 77 -6.71 20.34 8.33
N SER B 78 -7.12 19.85 7.18
CA SER B 78 -8.07 18.75 7.13
C SER B 78 -7.85 18.07 5.78
N CYS B 79 -8.39 16.88 5.64
CA CYS B 79 -8.36 16.25 4.32
C CYS B 79 -9.75 15.74 4.00
N ARG B 80 -10.16 15.96 2.76
CA ARG B 80 -11.54 15.83 2.33
C ARG B 80 -11.59 14.83 1.20
N VAL B 81 -12.46 13.84 1.32
CA VAL B 81 -12.46 12.68 0.44
C VAL B 81 -13.85 12.55 -0.16
N LYS B 82 -13.90 12.40 -1.48
CA LYS B 82 -15.14 12.14 -2.17
C LYS B 82 -15.06 10.79 -2.88
N HIS B 83 -16.15 10.03 -2.81
CA HIS B 83 -16.18 8.65 -3.25
C HIS B 83 -17.65 8.24 -3.40
N VAL B 84 -17.88 7.26 -4.26
CA VAL B 84 -19.24 6.86 -4.59
C VAL B 84 -19.98 6.32 -3.36
N THR B 85 -19.24 5.79 -2.38
CA THR B 85 -19.87 5.29 -1.17
C THR B 85 -20.27 6.40 -0.22
N LEU B 86 -19.89 7.65 -0.48
CA LEU B 86 -20.10 8.74 0.45
C LEU B 86 -21.11 9.73 -0.11
N ASP B 87 -22.24 9.86 0.59
CA ASP B 87 -23.28 10.81 0.20
C ASP B 87 -22.78 12.24 0.26
N LYS B 88 -22.01 12.56 1.29
CA LYS B 88 -21.33 13.81 1.51
C LYS B 88 -19.85 13.53 1.64
N PRO B 89 -18.99 14.47 1.23
CA PRO B 89 -17.55 14.22 1.33
C PRO B 89 -17.15 14.00 2.78
N LYS B 90 -16.22 13.07 2.98
CA LYS B 90 -15.70 12.77 4.30
C LYS B 90 -14.58 13.75 4.61
N ILE B 91 -14.70 14.45 5.75
CA ILE B 91 -13.69 15.42 6.16
C ILE B 91 -13.08 14.97 7.49
N VAL B 92 -11.77 14.85 7.52
CA VAL B 92 -11.04 14.49 8.73
C VAL B 92 -10.12 15.66 9.07
N LYS B 93 -10.26 16.18 10.29
CA LYS B 93 -9.44 17.30 10.73
C LYS B 93 -8.10 16.79 11.22
N TRP B 94 -7.04 17.56 10.95
CA TRP B 94 -5.71 17.23 11.44
C TRP B 94 -5.57 17.62 12.91
N ASP B 95 -5.07 16.70 13.71
CA ASP B 95 -4.90 16.84 15.15
C ASP B 95 -3.47 16.44 15.41
N ARG B 96 -2.66 17.34 15.95
CA ARG B 96 -1.25 17.00 16.03
C ARG B 96 -0.97 15.90 17.05
N ASP B 97 -1.93 15.58 17.90
CA ASP B 97 -1.81 14.46 18.84
C ASP B 97 -2.25 13.14 18.23
N HIS B 98 -2.50 13.14 16.91
CA HIS B 98 -3.18 12.11 16.12
C HIS B 98 -3.97 11.10 16.94
N MET C 1 11.89 -7.38 -12.17
CA MET C 1 11.41 -7.20 -13.54
C MET C 1 10.06 -7.88 -13.72
N THR C 2 9.20 -7.26 -14.54
CA THR C 2 7.83 -7.72 -14.71
C THR C 2 7.77 -9.01 -15.53
N ALA C 3 6.71 -9.78 -15.30
CA ALA C 3 6.46 -10.99 -16.05
C ALA C 3 5.87 -10.68 -17.43
N HIS C 4 5.99 -11.63 -18.35
CA HIS C 4 5.28 -11.55 -19.63
C HIS C 4 3.83 -11.92 -19.39
N ILE C 5 2.94 -10.93 -19.36
CA ILE C 5 1.54 -11.12 -19.00
C ILE C 5 0.71 -10.64 -20.19
N THR C 6 0.45 -11.55 -21.15
CA THR C 6 -0.31 -11.16 -22.33
C THR C 6 -1.25 -12.25 -22.84
N VAL C 7 -1.56 -13.26 -22.03
CA VAL C 7 -2.46 -14.31 -22.52
C VAL C 7 -3.89 -13.87 -22.29
N PRO C 8 -4.76 -13.94 -23.30
CA PRO C 8 -6.05 -13.23 -23.21
C PRO C 8 -6.98 -13.77 -22.14
N TYR C 9 -7.79 -12.86 -21.61
CA TYR C 9 -8.87 -13.20 -20.68
C TYR C 9 -10.01 -13.87 -21.43
#